data_7WS6
#
_entry.id   7WS6
#
_cell.length_a   1.00
_cell.length_b   1.00
_cell.length_c   1.00
_cell.angle_alpha   90.00
_cell.angle_beta   90.00
_cell.angle_gamma   90.00
#
_symmetry.space_group_name_H-M   'P 1'
#
loop_
_entity.id
_entity.type
_entity.pdbx_description
1 polymer 'Spike protein S1'
2 polymer '510A5 light chain'
3 polymer '510A5 heavy chain'
#
loop_
_entity_poly.entity_id
_entity_poly.type
_entity_poly.pdbx_seq_one_letter_code
_entity_poly.pdbx_strand_id
1 'polypeptide(L)'
;RVQPTESIVRFPNITNLCPFDEVFNATRFASVYAWNRKRISNCVADYSVLYNLAPFFTFKCYGVSPTKLNDLCFTNVYAD
SFVIRGDEVRQIAPGQTGNIADYNYKLPDDFTGCVIAWNSNKLDSKVSGNYNYLYRLFRKSNLKPFERDISTEIYQAGNK
PCNGVAGFNCYFPLRSYSFRPTYGVGHQPYRVVVLSFELLHAPATVCGPKKSTNLVKN
;
C
2 'polypeptide(L)'
;DIQMTQSPSSLSASVGDRVTITCRASQSISSYLNWFQHKPGKAPKLLIYGASSLQSGVPSRFSGSGSGTDFTLTISSLQP
EDFATYYCQQSYSTPPYTFGQGTKLEIK
;
H
3 'polypeptide(L)'
;EVQLVESGGGLVQPGRSLRLSCAASGFTFDDYAMHWVRQAPGKGLEWVSGISWNSDSIDYADSVKGRFTISRDNAKNSLY
LQMNSLRAEDTALYYCAKDRGYEILTPASFDYWGQGTLVTVSSAS
;
I
#
# COMPACT_ATOMS: atom_id res chain seq x y z
N ARG A 1 19.48 -50.33 28.01
CA ARG A 1 18.53 -50.01 26.94
C ARG A 1 19.20 -50.09 25.58
N VAL A 2 18.42 -49.86 24.53
CA VAL A 2 18.92 -49.90 23.16
C VAL A 2 18.67 -48.52 22.54
N GLN A 3 19.76 -47.80 22.28
CA GLN A 3 19.65 -46.52 21.60
C GLN A 3 19.55 -46.71 20.09
N PRO A 4 18.73 -45.92 19.42
CA PRO A 4 18.64 -46.01 17.96
C PRO A 4 19.80 -45.28 17.28
N THR A 5 20.08 -45.71 16.05
CA THR A 5 21.07 -45.06 15.19
C THR A 5 20.46 -44.48 13.93
N GLU A 6 19.22 -44.82 13.64
CA GLU A 6 18.53 -44.35 12.46
C GLU A 6 17.38 -43.43 12.86
N SER A 7 16.91 -42.63 11.91
CA SER A 7 15.81 -41.70 12.14
C SER A 7 15.18 -41.34 10.81
N ILE A 8 13.86 -41.40 10.75
CA ILE A 8 13.13 -41.24 9.49
C ILE A 8 11.99 -40.26 9.69
N VAL A 9 11.49 -39.72 8.59
CA VAL A 9 10.31 -38.87 8.60
C VAL A 9 9.62 -38.95 7.24
N ARG A 10 8.31 -39.16 7.25
CA ARG A 10 7.52 -39.23 6.03
C ARG A 10 6.47 -38.12 6.05
N PHE A 11 6.44 -37.32 5.00
CA PHE A 11 5.48 -36.24 4.83
C PHE A 11 4.72 -36.43 3.53
N PRO A 12 3.57 -35.78 3.38
CA PRO A 12 2.80 -35.91 2.14
C PRO A 12 3.61 -35.52 0.91
N ASN A 13 3.19 -36.08 -0.23
CA ASN A 13 3.93 -35.96 -1.47
C ASN A 13 3.77 -34.60 -2.15
N ILE A 14 2.84 -33.76 -1.68
CA ILE A 14 2.60 -32.48 -2.34
C ILE A 14 3.82 -31.56 -2.19
N THR A 15 4.03 -30.72 -3.20
CA THR A 15 5.21 -29.87 -3.23
C THR A 15 4.85 -28.43 -3.61
N ASN A 16 3.69 -28.25 -4.25
CA ASN A 16 3.33 -26.93 -4.75
C ASN A 16 3.12 -25.94 -3.61
N LEU A 17 3.48 -24.69 -3.86
CA LEU A 17 3.32 -23.63 -2.88
C LEU A 17 1.95 -22.97 -3.04
N CYS A 18 1.31 -22.71 -1.90
CA CYS A 18 -0.03 -22.12 -1.92
C CYS A 18 0.06 -20.63 -1.58
N PRO A 19 -0.90 -19.82 -2.04
CA PRO A 19 -0.73 -18.37 -1.99
C PRO A 19 -0.93 -17.74 -0.62
N PHE A 20 0.12 -17.70 0.20
CA PHE A 20 0.15 -16.77 1.31
C PHE A 20 0.29 -15.32 0.86
N ASP A 21 0.71 -15.09 -0.38
CA ASP A 21 0.95 -13.74 -0.85
C ASP A 21 -0.35 -12.97 -1.05
N GLU A 22 -1.38 -13.62 -1.59
CA GLU A 22 -2.60 -12.90 -1.91
C GLU A 22 -3.38 -12.46 -0.67
N VAL A 23 -3.03 -12.97 0.51
CA VAL A 23 -3.64 -12.50 1.74
C VAL A 23 -2.90 -11.30 2.31
N PHE A 24 -1.58 -11.31 2.23
CA PHE A 24 -0.75 -10.25 2.81
C PHE A 24 -0.46 -9.13 1.83
N ASN A 25 -0.29 -9.44 0.54
CA ASN A 25 -0.02 -8.44 -0.47
C ASN A 25 -1.29 -7.89 -1.11
N ALA A 26 -2.44 -8.12 -0.50
CA ALA A 26 -3.69 -7.60 -1.04
C ALA A 26 -3.71 -6.08 -0.93
N THR A 27 -4.18 -5.42 -1.99
CA THR A 27 -4.18 -3.96 -2.02
C THR A 27 -5.07 -3.38 -0.92
N ARG A 28 -6.28 -3.94 -0.80
CA ARG A 28 -7.27 -3.41 0.17
C ARG A 28 -7.94 -4.53 0.97
N PHE A 29 -8.11 -4.35 2.28
CA PHE A 29 -8.76 -5.31 3.15
C PHE A 29 -10.21 -4.90 3.39
N ALA A 30 -11.03 -5.90 3.67
CA ALA A 30 -12.46 -5.67 3.91
C ALA A 30 -12.67 -5.03 5.27
N SER A 31 -13.89 -4.53 5.47
CA SER A 31 -14.24 -3.90 6.73
C SER A 31 -14.17 -4.91 7.87
N VAL A 32 -13.85 -4.40 9.07
CA VAL A 32 -13.63 -5.30 10.20
C VAL A 32 -14.91 -6.04 10.57
N TYR A 33 -16.05 -5.36 10.56
CA TYR A 33 -17.29 -6.02 10.96
C TYR A 33 -17.65 -7.14 9.99
N ALA A 34 -17.48 -6.91 8.69
CA ALA A 34 -17.64 -7.96 7.69
C ALA A 34 -16.27 -8.49 7.28
N TRP A 35 -15.58 -9.10 8.24
CA TRP A 35 -14.20 -9.53 8.02
C TRP A 35 -14.13 -10.64 6.98
N ASN A 36 -13.19 -10.50 6.06
CA ASN A 36 -13.00 -11.47 4.99
C ASN A 36 -12.37 -12.74 5.55
N ARG A 37 -12.62 -13.86 4.87
CA ARG A 37 -12.05 -15.15 5.24
C ARG A 37 -11.54 -15.86 3.99
N LYS A 38 -10.32 -16.37 4.07
CA LYS A 38 -9.73 -17.17 3.00
C LYS A 38 -9.18 -18.45 3.60
N ARG A 39 -9.55 -19.58 3.01
CA ARG A 39 -9.14 -20.89 3.49
C ARG A 39 -7.99 -21.42 2.65
N ILE A 40 -7.07 -22.15 3.28
CA ILE A 40 -5.88 -22.66 2.63
C ILE A 40 -5.85 -24.17 2.81
N SER A 41 -5.60 -24.89 1.71
CA SER A 41 -5.55 -26.35 1.77
C SER A 41 -4.66 -26.86 0.65
N ASN A 42 -4.17 -28.10 0.84
CA ASN A 42 -3.42 -28.82 -0.19
C ASN A 42 -2.21 -28.03 -0.68
N CYS A 43 -1.26 -27.80 0.23
CA CYS A 43 -0.03 -27.12 -0.15
C CYS A 43 1.02 -27.38 0.91
N VAL A 44 2.25 -27.01 0.59
CA VAL A 44 3.31 -26.86 1.58
C VAL A 44 3.47 -25.37 1.87
N ALA A 45 3.46 -25.00 3.15
CA ALA A 45 3.47 -23.61 3.56
C ALA A 45 4.79 -23.29 4.23
N ASP A 46 5.46 -22.26 3.74
CA ASP A 46 6.72 -21.78 4.31
C ASP A 46 6.44 -20.49 5.07
N TYR A 47 6.78 -20.47 6.36
CA TYR A 47 6.55 -19.30 7.19
C TYR A 47 7.79 -18.42 7.32
N SER A 48 8.90 -18.78 6.68
CA SER A 48 10.06 -17.90 6.67
C SER A 48 9.81 -16.65 5.84
N VAL A 49 8.84 -16.69 4.93
CA VAL A 49 8.50 -15.50 4.16
C VAL A 49 7.96 -14.41 5.06
N LEU A 50 7.08 -14.77 6.00
CA LEU A 50 6.48 -13.78 6.88
C LEU A 50 7.45 -13.32 7.96
N TYR A 51 8.24 -14.25 8.50
CA TYR A 51 8.99 -13.98 9.72
C TYR A 51 10.09 -12.95 9.50
N ASN A 52 10.74 -12.99 8.34
CA ASN A 52 11.94 -12.18 8.12
C ASN A 52 11.63 -10.74 7.70
N LEU A 53 10.37 -10.37 7.57
CA LEU A 53 10.01 -9.00 7.20
C LEU A 53 9.98 -8.12 8.45
N ALA A 54 10.66 -6.98 8.37
CA ALA A 54 10.68 -6.05 9.49
C ALA A 54 9.32 -5.43 9.81
N PRO A 55 8.54 -4.92 8.84
CA PRO A 55 7.30 -4.20 9.22
C PRO A 55 6.28 -5.06 9.95
N PHE A 56 6.34 -6.39 9.80
CA PHE A 56 5.34 -7.27 10.41
C PHE A 56 5.63 -7.32 11.92
N PHE A 57 5.27 -6.23 12.60
CA PHE A 57 5.73 -6.02 13.97
C PHE A 57 5.04 -6.97 14.93
N THR A 58 3.72 -6.87 15.06
CA THR A 58 2.98 -7.60 16.09
C THR A 58 2.73 -9.01 15.59
N PHE A 59 3.59 -9.94 16.01
CA PHE A 59 3.48 -11.35 15.64
C PHE A 59 3.59 -12.15 16.94
N LYS A 60 2.46 -12.34 17.62
CA LYS A 60 2.41 -13.11 18.85
C LYS A 60 1.38 -14.22 18.66
N CYS A 61 1.75 -15.44 19.03
CA CYS A 61 0.96 -16.61 18.73
C CYS A 61 0.45 -17.26 20.01
N TYR A 62 -0.77 -17.78 19.94
CA TYR A 62 -1.40 -18.48 21.06
C TYR A 62 -1.32 -19.98 20.83
N GLY A 63 -0.66 -20.70 21.74
CA GLY A 63 -0.62 -22.14 21.72
C GLY A 63 0.47 -22.76 20.87
N VAL A 64 1.10 -21.99 19.99
CA VAL A 64 2.16 -22.50 19.11
C VAL A 64 3.30 -21.49 19.11
N SER A 65 4.52 -21.97 19.25
CA SER A 65 5.68 -21.10 19.18
C SER A 65 5.88 -20.61 17.75
N PRO A 66 6.11 -19.31 17.53
CA PRO A 66 6.25 -18.81 16.15
C PRO A 66 7.40 -19.45 15.39
N THR A 67 8.48 -19.83 16.09
CA THR A 67 9.64 -20.41 15.42
C THR A 67 9.36 -21.82 14.93
N LYS A 68 8.47 -22.54 15.59
CA LYS A 68 8.18 -23.93 15.26
C LYS A 68 7.21 -24.09 14.10
N LEU A 69 6.75 -23.00 13.49
CA LEU A 69 5.82 -23.09 12.38
C LEU A 69 6.44 -23.80 11.18
N ASN A 70 7.77 -23.75 11.05
CA ASN A 70 8.42 -24.23 9.84
C ASN A 70 8.27 -25.73 9.62
N ASP A 71 7.97 -26.50 10.67
CA ASP A 71 7.94 -27.95 10.57
C ASP A 71 6.60 -28.57 10.89
N LEU A 72 5.70 -27.84 11.55
CA LEU A 72 4.41 -28.41 11.92
C LEU A 72 3.51 -28.59 10.70
N CYS A 73 2.64 -29.59 10.78
CA CYS A 73 1.70 -29.92 9.73
C CYS A 73 0.28 -29.78 10.27
N PHE A 74 -0.55 -29.01 9.57
CA PHE A 74 -1.91 -28.73 10.01
C PHE A 74 -2.92 -29.30 9.02
N THR A 75 -4.10 -29.64 9.54
CA THR A 75 -5.16 -30.14 8.68
C THR A 75 -5.63 -29.07 7.71
N ASN A 76 -5.98 -27.90 8.24
CA ASN A 76 -6.38 -26.76 7.42
C ASN A 76 -6.00 -25.47 8.14
N VAL A 77 -5.78 -24.42 7.36
CA VAL A 77 -5.42 -23.11 7.90
C VAL A 77 -6.39 -22.08 7.34
N TYR A 78 -6.97 -21.27 8.24
CA TYR A 78 -7.84 -20.18 7.87
C TYR A 78 -7.09 -18.86 8.01
N ALA A 79 -7.41 -17.91 7.13
CA ALA A 79 -6.81 -16.58 7.17
C ALA A 79 -7.94 -15.55 7.19
N ASP A 80 -7.93 -14.70 8.21
CA ASP A 80 -8.90 -13.62 8.34
C ASP A 80 -8.16 -12.29 8.36
N SER A 81 -8.63 -11.33 7.58
CA SER A 81 -7.98 -10.03 7.46
C SER A 81 -9.01 -8.91 7.61
N PHE A 82 -8.58 -7.80 8.20
CA PHE A 82 -9.42 -6.63 8.37
C PHE A 82 -8.54 -5.45 8.73
N VAL A 83 -9.16 -4.30 8.94
CA VAL A 83 -8.47 -3.06 9.28
C VAL A 83 -9.06 -2.50 10.56
N ILE A 84 -8.20 -2.22 11.54
CA ILE A 84 -8.64 -1.69 12.83
C ILE A 84 -7.69 -0.59 13.28
N ARG A 85 -8.07 0.13 14.33
CA ARG A 85 -7.31 1.28 14.80
C ARG A 85 -6.08 0.83 15.59
N GLY A 86 -5.22 1.80 15.91
CA GLY A 86 -3.96 1.47 16.56
C GLY A 86 -4.15 0.89 17.95
N ASP A 87 -5.00 1.51 18.76
CA ASP A 87 -5.25 1.02 20.11
C ASP A 87 -6.22 -0.15 20.13
N GLU A 88 -6.81 -0.49 18.98
CA GLU A 88 -7.79 -1.56 18.94
C GLU A 88 -7.15 -2.93 18.68
N VAL A 89 -5.85 -2.96 18.35
CA VAL A 89 -5.18 -4.23 18.07
C VAL A 89 -5.04 -5.07 19.33
N ARG A 90 -4.75 -4.42 20.46
CA ARG A 90 -4.64 -5.14 21.72
C ARG A 90 -5.94 -5.86 22.09
N GLN A 91 -7.07 -5.44 21.54
CA GLN A 91 -8.33 -6.07 21.82
C GLN A 91 -8.49 -7.41 21.11
N ILE A 92 -7.61 -7.76 20.18
CA ILE A 92 -7.66 -9.06 19.53
C ILE A 92 -6.92 -10.07 20.41
N ALA A 93 -7.65 -10.71 21.32
CA ALA A 93 -7.09 -11.69 22.22
C ALA A 93 -8.21 -12.52 22.80
N PRO A 94 -8.07 -13.84 22.87
CA PRO A 94 -9.12 -14.67 23.44
C PRO A 94 -9.41 -14.28 24.89
N GLY A 95 -10.69 -14.30 25.25
CA GLY A 95 -11.08 -14.02 26.62
C GLY A 95 -10.92 -12.59 27.06
N GLN A 96 -10.73 -11.65 26.14
CA GLN A 96 -10.55 -10.24 26.47
C GLN A 96 -11.74 -9.45 25.93
N THR A 97 -12.21 -8.51 26.73
CA THR A 97 -13.38 -7.70 26.39
C THR A 97 -12.97 -6.45 25.63
N GLY A 98 -13.88 -5.98 24.79
CA GLY A 98 -13.62 -4.80 23.99
C GLY A 98 -14.63 -4.70 22.87
N ASN A 99 -14.69 -3.50 22.29
CA ASN A 99 -15.78 -3.18 21.36
C ASN A 99 -15.77 -4.11 20.16
N ILE A 100 -14.63 -4.24 19.48
CA ILE A 100 -14.59 -5.13 18.34
C ILE A 100 -14.70 -6.57 18.78
N ALA A 101 -14.14 -6.89 19.96
CA ALA A 101 -14.31 -8.23 20.51
C ALA A 101 -15.77 -8.50 20.83
N ASP A 102 -16.49 -7.48 21.30
CA ASP A 102 -17.89 -7.68 21.67
C ASP A 102 -18.80 -7.79 20.46
N TYR A 103 -18.57 -6.97 19.44
CA TYR A 103 -19.52 -6.83 18.35
C TYR A 103 -18.97 -7.13 16.96
N ASN A 104 -17.65 -7.23 16.79
CA ASN A 104 -17.06 -7.36 15.47
C ASN A 104 -16.36 -8.69 15.26
N TYR A 105 -15.44 -9.06 16.14
CA TYR A 105 -14.62 -10.26 15.94
C TYR A 105 -14.13 -10.74 17.29
N LYS A 106 -14.57 -11.91 17.71
CA LYS A 106 -14.21 -12.46 19.01
C LYS A 106 -13.46 -13.77 18.82
N LEU A 107 -12.41 -13.94 19.58
CA LEU A 107 -11.66 -15.20 19.57
C LEU A 107 -12.20 -16.13 20.64
N PRO A 108 -12.43 -17.40 20.32
CA PRO A 108 -12.92 -18.33 21.34
C PRO A 108 -11.87 -18.55 22.43
N ASP A 109 -12.34 -18.95 23.61
CA ASP A 109 -11.42 -19.16 24.72
C ASP A 109 -10.40 -20.25 24.39
N ASP A 110 -10.85 -21.35 23.79
CA ASP A 110 -9.95 -22.40 23.35
C ASP A 110 -9.52 -22.13 21.90
N PHE A 111 -8.75 -21.07 21.73
CA PHE A 111 -8.29 -20.64 20.42
C PHE A 111 -6.83 -21.01 20.24
N THR A 112 -6.50 -21.56 19.08
CA THR A 112 -5.14 -21.88 18.70
C THR A 112 -4.81 -21.18 17.38
N GLY A 113 -3.68 -20.51 17.34
CA GLY A 113 -3.24 -19.84 16.13
C GLY A 113 -2.46 -18.59 16.44
N CYS A 114 -1.91 -18.00 15.38
CA CYS A 114 -1.10 -16.79 15.47
C CYS A 114 -1.87 -15.62 14.89
N VAL A 115 -1.55 -14.42 15.37
CA VAL A 115 -2.14 -13.18 14.89
C VAL A 115 -1.01 -12.25 14.46
N ILE A 116 -1.19 -11.59 13.32
CA ILE A 116 -0.18 -10.72 12.75
C ILE A 116 -0.82 -9.35 12.51
N ALA A 117 -0.15 -8.30 12.98
CA ALA A 117 -0.61 -6.93 12.78
C ALA A 117 0.58 -6.06 12.44
N TRP A 118 0.40 -5.16 11.46
CA TRP A 118 1.46 -4.26 11.05
C TRP A 118 0.87 -2.92 10.66
N ASN A 119 1.73 -1.91 10.56
CA ASN A 119 1.27 -0.55 10.29
C ASN A 119 0.78 -0.42 8.85
N SER A 120 -0.29 0.34 8.68
CA SER A 120 -0.90 0.58 7.37
C SER A 120 -1.16 2.06 7.16
N ASN A 121 -0.23 2.91 7.55
CA ASN A 121 -0.50 4.35 7.27
C ASN A 121 -0.21 4.68 5.81
N LYS A 122 0.58 3.85 5.12
CA LYS A 122 1.02 4.18 3.74
C LYS A 122 0.01 3.67 2.71
N LEU A 123 -1.15 3.16 3.14
CA LEU A 123 -2.19 2.76 2.21
C LEU A 123 -3.59 3.17 2.64
N ASP A 124 -3.89 3.16 3.94
CA ASP A 124 -5.28 3.42 4.38
C ASP A 124 -5.47 4.80 5.00
N SER A 125 -4.59 5.76 4.69
CA SER A 125 -4.71 7.10 5.23
C SER A 125 -4.93 8.10 4.10
N LYS A 126 -5.98 8.91 4.23
CA LYS A 126 -6.26 10.00 3.31
C LYS A 126 -6.21 11.32 4.06
N VAL A 127 -5.65 12.34 3.42
CA VAL A 127 -5.50 13.64 4.09
C VAL A 127 -6.86 14.27 4.35
N SER A 128 -7.82 14.07 3.43
CA SER A 128 -9.17 14.54 3.68
C SER A 128 -9.91 13.64 4.65
N GLY A 129 -9.61 12.35 4.66
CA GLY A 129 -10.25 11.42 5.56
C GLY A 129 -10.77 10.19 4.84
N ASN A 130 -10.34 9.01 5.28
CA ASN A 130 -10.78 7.75 4.69
C ASN A 130 -12.05 7.26 5.39
N TYR A 131 -13.01 6.81 4.60
CA TYR A 131 -14.28 6.30 5.13
C TYR A 131 -14.68 4.99 4.46
N ASN A 132 -13.74 4.30 3.81
CA ASN A 132 -14.03 3.01 3.22
C ASN A 132 -14.13 1.90 4.25
N TYR A 133 -13.79 2.16 5.51
CA TYR A 133 -13.80 1.15 6.56
C TYR A 133 -14.94 1.44 7.53
N LEU A 134 -15.62 0.38 7.95
CA LEU A 134 -16.76 0.49 8.86
C LEU A 134 -16.57 -0.50 10.01
N TYR A 135 -17.12 -0.14 11.17
CA TYR A 135 -17.08 -1.00 12.33
C TYR A 135 -18.39 -0.88 13.11
N ARG A 136 -18.90 -2.03 13.55
CA ARG A 136 -20.16 -2.06 14.27
C ARG A 136 -19.99 -1.49 15.66
N LEU A 137 -20.93 -0.64 16.06
CA LEU A 137 -20.88 0.00 17.37
C LEU A 137 -21.92 -0.53 18.35
N PHE A 138 -23.11 -0.88 17.88
CA PHE A 138 -24.21 -1.24 18.76
C PHE A 138 -24.67 -2.67 18.49
N ARG A 139 -24.86 -3.43 19.55
CA ARG A 139 -25.47 -4.75 19.44
C ARG A 139 -26.06 -5.13 20.80
N LYS A 140 -27.14 -5.90 20.77
CA LYS A 140 -27.84 -6.30 21.99
C LYS A 140 -26.92 -7.03 22.97
N SER A 141 -25.95 -7.79 22.48
CA SER A 141 -25.08 -8.55 23.35
C SER A 141 -23.78 -8.85 22.61
N ASN A 142 -22.89 -9.56 23.29
CA ASN A 142 -21.61 -9.91 22.71
C ASN A 142 -21.81 -10.86 21.53
N LEU A 143 -20.95 -10.71 20.52
CA LEU A 143 -20.99 -11.59 19.36
C LEU A 143 -20.26 -12.90 19.67
N LYS A 144 -20.77 -13.98 19.09
CA LYS A 144 -20.15 -15.29 19.28
C LYS A 144 -18.80 -15.34 18.58
N PRO A 145 -17.89 -16.20 19.05
CA PRO A 145 -16.56 -16.27 18.44
C PRO A 145 -16.63 -16.68 16.98
N PHE A 146 -15.74 -16.08 16.18
CA PHE A 146 -15.63 -16.39 14.75
C PHE A 146 -16.97 -16.26 14.03
N GLU A 147 -17.69 -15.17 14.31
CA GLU A 147 -18.94 -14.88 13.64
C GLU A 147 -18.85 -13.53 12.94
N ARG A 148 -19.43 -13.44 11.75
CA ARG A 148 -19.46 -12.22 10.95
C ARG A 148 -20.87 -11.66 10.99
N ASP A 149 -21.03 -10.47 11.55
CA ASP A 149 -22.35 -9.85 11.73
C ASP A 149 -22.42 -8.63 10.82
N ILE A 150 -23.19 -8.74 9.75
CA ILE A 150 -23.37 -7.67 8.77
C ILE A 150 -24.74 -7.01 8.92
N SER A 151 -25.45 -7.29 10.01
CA SER A 151 -26.80 -6.77 10.20
C SER A 151 -26.81 -5.24 10.15
N THR A 152 -27.76 -4.69 9.41
CA THR A 152 -27.86 -3.26 9.19
C THR A 152 -29.11 -2.66 9.83
N GLU A 153 -29.78 -3.41 10.69
CA GLU A 153 -31.00 -2.92 11.33
C GLU A 153 -30.68 -1.72 12.24
N ILE A 154 -31.60 -0.76 12.26
CA ILE A 154 -31.42 0.46 13.03
C ILE A 154 -31.68 0.15 14.50
N TYR A 155 -30.72 0.50 15.34
CA TYR A 155 -30.74 0.05 16.73
C TYR A 155 -31.75 0.84 17.56
N GLN A 156 -32.58 0.10 18.30
CA GLN A 156 -33.38 0.65 19.40
C GLN A 156 -33.12 -0.20 20.63
N ALA A 157 -32.62 0.43 21.69
CA ALA A 157 -32.35 -0.26 22.94
C ALA A 157 -33.15 0.28 24.11
N GLY A 158 -34.16 1.12 23.86
CA GLY A 158 -34.85 1.83 24.90
C GLY A 158 -36.26 1.29 25.15
N ASN A 159 -37.01 2.09 25.92
CA ASN A 159 -38.37 1.70 26.28
C ASN A 159 -39.37 2.08 25.20
N LYS A 160 -39.10 3.12 24.41
CA LYS A 160 -40.00 3.51 23.31
C LYS A 160 -39.38 3.18 21.96
N PRO A 161 -39.82 2.13 21.28
CA PRO A 161 -39.25 1.81 19.97
C PRO A 161 -39.60 2.87 18.93
N CYS A 162 -38.74 2.98 17.92
CA CYS A 162 -39.08 3.81 16.76
C CYS A 162 -39.68 2.96 15.65
N ASN A 163 -39.56 1.64 15.78
CA ASN A 163 -40.03 0.70 14.77
C ASN A 163 -39.21 0.83 13.47
N GLY A 164 -37.89 0.92 13.61
CA GLY A 164 -37.01 0.78 12.47
C GLY A 164 -36.77 2.02 11.64
N VAL A 165 -37.12 3.20 12.14
CA VAL A 165 -36.87 4.44 11.44
C VAL A 165 -36.08 5.37 12.36
N ALA A 166 -34.99 5.94 11.84
CA ALA A 166 -34.04 6.70 12.65
C ALA A 166 -34.57 8.08 13.02
N GLY A 167 -35.66 8.10 13.78
CA GLY A 167 -36.22 9.34 14.27
C GLY A 167 -35.70 9.64 15.65
N PHE A 168 -36.54 9.50 16.67
CA PHE A 168 -36.12 9.74 18.05
C PHE A 168 -35.81 8.41 18.72
N ASN A 169 -34.61 8.33 19.31
CA ASN A 169 -34.12 7.16 20.04
C ASN A 169 -33.86 5.96 19.15
N CYS A 170 -33.23 6.18 17.98
CA CYS A 170 -32.73 5.10 17.13
C CYS A 170 -31.53 5.59 16.34
N TYR A 171 -30.45 4.81 16.37
CA TYR A 171 -29.20 5.13 15.70
C TYR A 171 -28.83 4.01 14.73
N PHE A 172 -28.09 4.36 13.69
CA PHE A 172 -27.51 3.35 12.80
C PHE A 172 -26.32 2.69 13.51
N PRO A 173 -26.26 1.35 13.57
CA PRO A 173 -25.21 0.70 14.37
C PRO A 173 -23.82 0.77 13.77
N LEU A 174 -23.69 1.01 12.47
CA LEU A 174 -22.39 1.01 11.81
C LEU A 174 -21.80 2.40 11.77
N ARG A 175 -20.59 2.52 12.34
CA ARG A 175 -19.88 3.81 12.32
C ARG A 175 -18.61 3.65 11.46
N SER A 176 -18.17 4.70 10.80
CA SER A 176 -17.02 4.68 9.91
C SER A 176 -15.80 5.23 10.63
N TYR A 177 -14.69 4.51 10.51
CA TYR A 177 -13.42 5.02 11.03
C TYR A 177 -12.98 6.22 10.20
N SER A 178 -12.45 7.23 10.87
CA SER A 178 -11.93 8.43 10.20
C SER A 178 -10.41 8.39 10.30
N PHE A 179 -9.79 7.81 9.28
CA PHE A 179 -8.34 7.70 9.27
C PHE A 179 -7.71 8.88 8.54
N ARG A 180 -6.73 9.51 9.18
CA ARG A 180 -5.99 10.63 8.64
C ARG A 180 -4.52 10.46 9.02
N PRO A 181 -3.59 10.76 8.12
CA PRO A 181 -2.17 10.65 8.48
C PRO A 181 -1.75 11.57 9.61
N THR A 182 -2.54 12.59 9.91
CA THR A 182 -2.07 13.52 10.97
C THR A 182 -2.25 12.86 12.34
N TYR A 183 -3.25 12.01 12.50
CA TYR A 183 -3.53 11.46 13.82
C TYR A 183 -2.32 10.75 14.39
N GLY A 184 -2.36 10.54 15.71
CA GLY A 184 -1.29 9.86 16.41
C GLY A 184 -1.32 8.35 16.20
N VAL A 185 -0.30 7.71 16.77
CA VAL A 185 -0.15 6.26 16.61
C VAL A 185 -1.32 5.52 17.25
N GLY A 186 -1.84 6.06 18.35
CA GLY A 186 -2.94 5.42 19.06
C GLY A 186 -4.21 5.27 18.27
N HIS A 187 -4.38 6.05 17.20
CA HIS A 187 -5.54 5.92 16.32
C HIS A 187 -5.13 5.62 14.89
N GLN A 188 -3.86 5.29 14.64
CA GLN A 188 -3.38 5.08 13.31
C GLN A 188 -3.80 3.68 12.85
N PRO A 189 -4.49 3.56 11.71
CA PRO A 189 -5.03 2.26 11.30
C PRO A 189 -3.96 1.22 11.07
N TYR A 190 -4.29 -0.02 11.42
CA TYR A 190 -3.40 -1.16 11.30
C TYR A 190 -4.12 -2.26 10.53
N ARG A 191 -3.35 -3.08 9.82
CA ARG A 191 -3.90 -4.25 9.14
C ARG A 191 -3.59 -5.49 9.96
N VAL A 192 -4.60 -6.33 10.16
CA VAL A 192 -4.49 -7.50 11.02
C VAL A 192 -4.83 -8.74 10.21
N VAL A 193 -3.99 -9.76 10.32
CA VAL A 193 -4.23 -11.06 9.69
C VAL A 193 -4.19 -12.13 10.79
N VAL A 194 -5.24 -12.94 10.85
CA VAL A 194 -5.39 -13.94 11.91
C VAL A 194 -5.38 -15.32 11.27
N LEU A 195 -4.50 -16.18 11.75
CA LEU A 195 -4.38 -17.55 11.26
C LEU A 195 -4.85 -18.51 12.35
N SER A 196 -5.81 -19.37 12.00
CA SER A 196 -6.30 -20.39 12.91
C SER A 196 -5.88 -21.76 12.40
N PHE A 197 -5.32 -22.57 13.29
CA PHE A 197 -4.81 -23.89 12.92
C PHE A 197 -5.77 -24.96 13.42
N GLU A 198 -6.29 -25.76 12.51
CA GLU A 198 -7.15 -26.89 12.87
C GLU A 198 -6.29 -28.12 13.17
N LEU A 199 -5.49 -28.01 14.23
CA LEU A 199 -4.58 -29.09 14.59
C LEU A 199 -5.37 -30.28 15.12
N LEU A 200 -5.31 -31.39 14.39
CA LEU A 200 -6.09 -32.57 14.74
C LEU A 200 -5.44 -33.78 14.06
N HIS A 201 -5.96 -34.96 14.37
CA HIS A 201 -5.42 -36.22 13.86
C HIS A 201 -5.95 -36.59 12.49
N ALA A 202 -6.84 -35.79 11.90
CA ALA A 202 -7.37 -36.08 10.58
C ALA A 202 -6.25 -35.93 9.54
N PRO A 203 -6.37 -36.62 8.39
CA PRO A 203 -5.36 -36.49 7.34
C PRO A 203 -5.17 -35.04 6.92
N ALA A 204 -3.99 -34.51 7.21
CA ALA A 204 -3.73 -33.08 7.03
C ALA A 204 -3.47 -32.76 5.57
N THR A 205 -3.56 -31.48 5.23
CA THR A 205 -3.29 -31.00 3.88
C THR A 205 -2.17 -29.98 3.80
N VAL A 206 -1.96 -29.17 4.82
CA VAL A 206 -0.95 -28.11 4.80
C VAL A 206 0.18 -28.54 5.73
N CYS A 207 1.42 -28.48 5.23
CA CYS A 207 2.58 -28.88 5.99
C CYS A 207 3.72 -27.90 5.76
N GLY A 208 4.69 -27.89 6.67
CA GLY A 208 5.86 -27.05 6.54
C GLY A 208 6.89 -27.67 5.62
N PRO A 209 7.84 -26.86 5.14
CA PRO A 209 8.87 -27.39 4.25
C PRO A 209 9.77 -28.39 4.96
N LYS A 210 9.76 -29.63 4.49
CA LYS A 210 10.60 -30.67 5.07
C LYS A 210 10.89 -31.70 4.00
N LYS A 211 11.96 -32.48 4.20
CA LYS A 211 12.41 -33.45 3.24
C LYS A 211 12.23 -34.87 3.77
N SER A 212 11.51 -35.69 3.02
CA SER A 212 11.27 -37.07 3.40
C SER A 212 12.52 -37.90 3.15
N THR A 213 12.56 -39.09 3.71
CA THR A 213 13.67 -40.01 3.50
C THR A 213 13.12 -41.40 3.26
N ASN A 214 14.03 -42.35 3.05
CA ASN A 214 13.62 -43.75 2.91
C ASN A 214 12.94 -44.20 4.19
N LEU A 215 11.91 -45.04 4.03
CA LEU A 215 11.16 -45.54 5.17
C LEU A 215 11.88 -46.77 5.71
N VAL A 216 12.55 -46.62 6.84
CA VAL A 216 13.25 -47.72 7.47
C VAL A 216 12.23 -48.69 8.06
N LYS A 217 12.37 -49.96 7.73
CA LYS A 217 11.61 -51.01 8.37
C LYS A 217 12.56 -51.86 9.21
N ASN A 218 12.21 -52.02 10.48
CA ASN A 218 13.05 -52.71 11.46
C ASN A 218 14.43 -52.07 11.57
N ASP B 1 0.87 24.78 3.08
CA ASP B 1 1.90 24.98 2.08
C ASP B 1 3.31 24.55 2.54
N ILE B 2 3.95 23.72 1.71
CA ILE B 2 5.24 23.13 2.03
C ILE B 2 6.24 23.53 0.94
N GLN B 3 7.50 23.66 1.33
CA GLN B 3 8.57 23.98 0.41
C GLN B 3 9.74 23.03 0.64
N MET B 4 10.30 22.52 -0.44
CA MET B 4 11.47 21.65 -0.39
C MET B 4 12.60 22.27 -1.21
N THR B 5 13.79 22.34 -0.61
CA THR B 5 14.97 22.88 -1.27
C THR B 5 16.13 21.91 -1.10
N GLN B 6 16.96 21.81 -2.13
CA GLN B 6 18.12 20.93 -2.13
C GLN B 6 19.36 21.81 -2.03
N SER B 7 20.21 21.55 -1.04
CA SER B 7 21.47 22.29 -0.95
C SER B 7 22.37 22.08 -2.16
N PRO B 8 22.55 20.88 -2.70
CA PRO B 8 23.36 20.74 -3.91
C PRO B 8 22.53 20.77 -5.18
N SER B 9 23.06 21.49 -6.18
CA SER B 9 22.47 21.53 -7.51
C SER B 9 23.23 20.66 -8.50
N SER B 10 24.56 20.76 -8.51
CA SER B 10 25.42 19.89 -9.30
C SER B 10 26.46 19.28 -8.38
N LEU B 11 26.61 17.96 -8.46
CA LEU B 11 27.56 17.25 -7.61
C LEU B 11 28.57 16.51 -8.47
N SER B 12 29.84 16.65 -8.09
CA SER B 12 30.94 16.05 -8.81
C SER B 12 31.51 14.88 -8.01
N ALA B 13 31.84 13.81 -8.70
CA ALA B 13 32.41 12.62 -8.06
C ALA B 13 33.13 11.81 -9.13
N SER B 14 33.53 10.60 -8.78
CA SER B 14 34.19 9.68 -9.69
C SER B 14 33.45 8.35 -9.70
N VAL B 15 34.02 7.37 -10.41
CA VAL B 15 33.41 6.06 -10.52
C VAL B 15 33.40 5.33 -9.18
N GLY B 16 34.43 5.50 -8.36
CA GLY B 16 34.56 4.73 -7.14
C GLY B 16 34.47 5.53 -5.86
N ASP B 17 33.53 6.46 -5.79
CA ASP B 17 33.36 7.32 -4.63
C ASP B 17 31.94 7.21 -4.10
N ARG B 18 31.60 8.09 -3.16
CA ARG B 18 30.27 8.16 -2.59
C ARG B 18 29.88 9.62 -2.39
N VAL B 19 28.60 9.93 -2.60
CA VAL B 19 28.09 11.29 -2.48
C VAL B 19 26.74 11.25 -1.78
N THR B 20 26.35 12.39 -1.19
CA THR B 20 25.11 12.49 -0.43
C THR B 20 24.32 13.71 -0.89
N ILE B 21 22.99 13.56 -0.88
CA ILE B 21 22.06 14.63 -1.26
C ILE B 21 21.02 14.75 -0.18
N THR B 22 20.72 15.99 0.22
CA THR B 22 19.73 16.25 1.27
C THR B 22 18.54 17.02 0.70
N CYS B 23 17.37 16.71 1.24
CA CYS B 23 16.14 17.43 0.92
C CYS B 23 15.51 17.91 2.22
N ARG B 24 15.37 19.22 2.36
CA ARG B 24 14.80 19.83 3.54
C ARG B 24 13.34 20.17 3.28
N ALA B 25 12.54 20.14 4.34
CA ALA B 25 11.13 20.49 4.27
C ALA B 25 10.87 21.76 5.06
N SER B 26 10.06 22.65 4.48
CA SER B 26 9.74 23.90 5.16
C SER B 26 8.95 23.64 6.45
N GLN B 27 8.14 22.58 6.46
CA GLN B 27 7.41 22.16 7.63
C GLN B 27 7.52 20.65 7.76
N SER B 28 7.32 20.14 8.97
CA SER B 28 7.45 18.72 9.22
C SER B 28 6.45 17.93 8.38
N ILE B 29 6.93 16.83 7.78
CA ILE B 29 6.11 15.98 6.94
C ILE B 29 6.05 14.55 7.46
N SER B 30 6.45 14.33 8.72
CA SER B 30 6.26 13.06 9.41
C SER B 30 6.88 11.89 8.65
N SER B 31 8.06 12.13 8.08
CA SER B 31 8.89 11.10 7.46
C SER B 31 8.23 10.42 6.26
N TYR B 32 7.18 11.05 5.72
CA TYR B 32 6.53 10.48 4.50
C TYR B 32 7.11 11.17 3.26
N LEU B 33 8.33 10.82 2.87
CA LEU B 33 9.02 11.43 1.74
C LEU B 33 9.51 10.32 0.81
N ASN B 34 9.62 10.64 -0.47
CA ASN B 34 10.00 9.68 -1.48
C ASN B 34 11.07 10.27 -2.39
N TRP B 35 11.98 9.41 -2.85
CA TRP B 35 13.06 9.79 -3.74
C TRP B 35 12.85 9.13 -5.08
N PHE B 36 12.87 9.92 -6.15
CA PHE B 36 12.64 9.44 -7.49
C PHE B 36 13.88 9.64 -8.35
N GLN B 37 14.28 8.57 -9.05
CA GLN B 37 15.43 8.59 -9.94
C GLN B 37 14.95 8.87 -11.35
N HIS B 38 15.53 9.89 -11.98
CA HIS B 38 15.06 10.38 -13.28
C HIS B 38 16.23 10.45 -14.25
N LYS B 39 16.39 9.41 -15.07
CA LYS B 39 17.29 9.50 -16.20
C LYS B 39 16.69 10.43 -17.25
N PRO B 40 17.52 11.15 -18.01
CA PRO B 40 16.98 11.99 -19.08
C PRO B 40 16.69 11.24 -20.35
N GLY B 41 17.09 9.97 -20.44
CA GLY B 41 16.89 9.20 -21.65
C GLY B 41 15.67 8.30 -21.63
N LYS B 42 15.03 8.15 -20.47
CA LYS B 42 13.91 7.24 -20.32
C LYS B 42 13.00 7.73 -19.20
N ALA B 43 11.98 6.94 -18.90
CA ALA B 43 11.00 7.32 -17.89
C ALA B 43 11.61 7.23 -16.49
N PRO B 44 11.37 8.20 -15.64
CA PRO B 44 11.88 8.14 -14.27
C PRO B 44 11.22 7.01 -13.47
N LYS B 45 11.97 6.54 -12.47
CA LYS B 45 11.47 5.45 -11.63
C LYS B 45 11.73 5.79 -10.17
N LEU B 46 10.98 5.18 -9.26
CA LEU B 46 11.15 5.38 -7.83
C LEU B 46 12.26 4.48 -7.30
N LEU B 47 13.05 5.02 -6.36
CA LEU B 47 14.05 4.24 -5.63
C LEU B 47 13.64 3.97 -4.20
N ILE B 48 13.31 5.01 -3.44
CA ILE B 48 13.02 4.89 -2.01
C ILE B 48 11.62 5.40 -1.75
N TYR B 49 10.74 4.50 -1.29
CA TYR B 49 9.44 4.88 -0.79
C TYR B 49 9.49 4.88 0.74
N GLY B 50 8.71 5.75 1.35
CA GLY B 50 8.80 5.93 2.78
C GLY B 50 10.13 6.56 3.16
N ALA B 51 10.36 6.66 4.47
CA ALA B 51 11.55 7.33 4.96
C ALA B 51 12.82 6.59 4.54
N SER B 52 12.89 5.29 4.84
CA SER B 52 14.11 4.54 4.59
C SER B 52 13.79 3.13 4.10
N SER B 53 12.78 2.99 3.24
CA SER B 53 12.38 1.69 2.71
C SER B 53 12.79 1.60 1.25
N LEU B 54 13.50 0.53 0.90
CA LEU B 54 14.01 0.34 -0.44
C LEU B 54 12.99 -0.44 -1.28
N GLN B 55 12.63 0.12 -2.43
CA GLN B 55 11.67 -0.52 -3.31
C GLN B 55 12.31 -1.69 -4.03
N SER B 56 11.58 -2.80 -4.10
CA SER B 56 12.14 -4.05 -4.61
C SER B 56 12.45 -3.94 -6.10
N GLY B 57 13.61 -4.44 -6.49
CA GLY B 57 14.04 -4.43 -7.88
C GLY B 57 15.11 -3.41 -8.22
N VAL B 58 15.37 -2.45 -7.35
CA VAL B 58 16.45 -1.49 -7.59
C VAL B 58 17.68 -1.98 -6.83
N PRO B 59 18.89 -1.60 -7.24
CA PRO B 59 20.08 -2.04 -6.51
C PRO B 59 20.07 -1.56 -5.07
N SER B 60 20.62 -2.39 -4.19
CA SER B 60 20.65 -2.08 -2.77
C SER B 60 21.62 -0.96 -2.43
N ARG B 61 22.39 -0.47 -3.40
CA ARG B 61 23.34 0.59 -3.12
C ARG B 61 22.64 1.85 -2.64
N PHE B 62 21.53 2.22 -3.28
CA PHE B 62 20.73 3.33 -2.80
C PHE B 62 20.09 2.99 -1.46
N SER B 63 20.09 3.96 -0.55
CA SER B 63 19.44 3.77 0.75
C SER B 63 18.99 5.12 1.28
N GLY B 64 17.69 5.24 1.53
CA GLY B 64 17.13 6.47 2.07
C GLY B 64 17.35 6.58 3.56
N SER B 65 17.21 7.79 4.08
CA SER B 65 17.40 8.04 5.50
C SER B 65 16.75 9.37 5.84
N GLY B 66 16.61 9.62 7.13
CA GLY B 66 16.04 10.86 7.61
C GLY B 66 14.57 10.72 7.92
N SER B 67 14.11 11.52 8.88
CA SER B 67 12.71 11.50 9.29
C SER B 67 12.32 12.89 9.77
N GLY B 68 11.09 13.28 9.43
CA GLY B 68 10.57 14.56 9.87
C GLY B 68 10.77 15.68 8.87
N THR B 69 11.81 16.50 9.08
CA THR B 69 12.02 17.69 8.28
C THR B 69 13.17 17.59 7.28
N ASP B 70 14.23 16.86 7.62
CA ASP B 70 15.39 16.72 6.74
C ASP B 70 15.53 15.28 6.30
N PHE B 71 15.78 15.08 5.01
CA PHE B 71 15.85 13.75 4.43
C PHE B 71 17.07 13.68 3.53
N THR B 72 17.58 12.46 3.37
CA THR B 72 18.85 12.26 2.68
C THR B 72 18.85 10.93 1.96
N LEU B 73 19.38 10.94 0.73
CA LEU B 73 19.66 9.74 -0.04
C LEU B 73 21.17 9.60 -0.19
N THR B 74 21.66 8.37 -0.06
CA THR B 74 23.09 8.11 -0.14
C THR B 74 23.38 6.99 -1.13
N ILE B 75 24.49 7.15 -1.84
CA ILE B 75 24.97 6.17 -2.82
C ILE B 75 26.45 5.94 -2.58
N SER B 76 26.87 4.68 -2.59
CA SER B 76 28.21 4.31 -2.15
C SER B 76 29.10 3.77 -3.27
N SER B 77 28.51 3.27 -4.35
CA SER B 77 29.29 2.61 -5.40
C SER B 77 29.49 3.47 -6.64
N LEU B 78 28.46 4.19 -7.09
CA LEU B 78 28.53 5.05 -8.27
C LEU B 78 28.97 4.26 -9.51
N GLN B 79 28.19 3.24 -9.83
CA GLN B 79 28.38 2.56 -11.09
C GLN B 79 28.09 3.53 -12.24
N PRO B 80 28.83 3.43 -13.34
CA PRO B 80 28.84 4.50 -14.35
C PRO B 80 27.49 4.82 -14.96
N GLU B 81 26.41 4.13 -14.58
CA GLU B 81 25.08 4.42 -15.11
C GLU B 81 24.26 5.28 -14.15
N ASP B 82 24.89 5.87 -13.14
CA ASP B 82 24.19 6.61 -12.10
C ASP B 82 24.11 8.10 -12.39
N PHE B 83 24.53 8.53 -13.58
CA PHE B 83 24.34 9.92 -14.02
C PHE B 83 22.86 10.14 -14.25
N ALA B 84 22.24 10.98 -13.42
CA ALA B 84 20.82 11.26 -13.55
C ALA B 84 20.48 12.46 -12.67
N THR B 85 19.19 12.76 -12.58
CA THR B 85 18.67 13.82 -11.74
C THR B 85 17.70 13.21 -10.72
N TYR B 86 17.83 13.63 -9.47
CA TYR B 86 17.06 13.03 -8.38
C TYR B 86 16.13 14.08 -7.78
N TYR B 87 14.93 13.66 -7.39
CA TYR B 87 13.91 14.53 -6.86
C TYR B 87 13.37 13.96 -5.55
N CYS B 88 12.95 14.85 -4.66
CA CYS B 88 12.35 14.47 -3.39
C CYS B 88 10.90 14.96 -3.37
N GLN B 89 10.00 14.10 -2.90
CA GLN B 89 8.57 14.36 -2.89
C GLN B 89 8.00 14.16 -1.50
N GLN B 90 7.07 15.03 -1.12
CA GLN B 90 6.32 14.86 0.12
C GLN B 90 4.87 14.52 -0.19
N SER B 91 4.29 13.66 0.64
CA SER B 91 2.92 13.20 0.44
C SER B 91 2.17 13.17 1.75
N TYR B 92 2.23 14.26 2.52
CA TYR B 92 1.59 14.29 3.83
C TYR B 92 0.59 15.45 3.91
N SER B 93 1.01 16.63 3.45
CA SER B 93 0.26 17.85 3.69
C SER B 93 -0.86 18.03 2.68
N THR B 94 -1.63 19.11 2.86
CA THR B 94 -2.75 19.36 1.96
C THR B 94 -2.35 19.79 0.55
N PRO B 95 -1.22 20.48 0.30
CA PRO B 95 -0.77 20.63 -1.08
C PRO B 95 -0.26 19.30 -1.62
N PRO B 96 -1.02 18.65 -2.50
CA PRO B 96 -0.77 17.23 -2.79
C PRO B 96 0.47 17.05 -3.65
N TYR B 97 1.32 16.11 -3.26
CA TYR B 97 2.34 15.53 -4.13
C TYR B 97 3.28 16.61 -4.71
N THR B 98 3.63 17.58 -3.88
CA THR B 98 4.57 18.62 -4.30
C THR B 98 5.97 18.01 -4.44
N PHE B 99 6.73 18.50 -5.41
CA PHE B 99 8.06 18.00 -5.70
C PHE B 99 9.13 19.02 -5.35
N GLY B 100 10.34 18.53 -5.11
CA GLY B 100 11.49 19.40 -4.94
C GLY B 100 12.18 19.70 -6.26
N GLN B 101 13.14 20.61 -6.19
CA GLN B 101 13.90 20.98 -7.37
C GLN B 101 14.91 19.89 -7.73
N GLY B 102 15.41 19.95 -8.96
CA GLY B 102 16.30 18.92 -9.44
C GLY B 102 17.66 18.93 -8.77
N THR B 103 18.34 17.79 -8.85
CA THR B 103 19.68 17.61 -8.28
C THR B 103 20.53 16.92 -9.34
N LYS B 104 21.22 17.71 -10.14
CA LYS B 104 22.09 17.15 -11.17
C LYS B 104 23.28 16.45 -10.53
N LEU B 105 23.52 15.21 -10.95
CA LEU B 105 24.66 14.42 -10.47
C LEU B 105 25.55 14.09 -11.65
N GLU B 106 26.81 14.50 -11.58
CA GLU B 106 27.76 14.27 -12.65
C GLU B 106 29.00 13.58 -12.11
N ILE B 107 29.62 12.76 -12.96
CA ILE B 107 30.80 11.98 -12.60
C ILE B 107 32.01 12.57 -13.30
N LYS B 108 33.02 12.95 -12.53
CA LYS B 108 34.24 13.53 -13.08
C LYS B 108 35.25 12.46 -13.47
N GLU C 1 8.30 -4.12 -15.09
CA GLU C 1 8.23 -4.64 -16.45
C GLU C 1 6.89 -4.29 -17.09
N VAL C 2 6.08 -3.50 -16.36
CA VAL C 2 4.76 -3.16 -16.85
C VAL C 2 4.86 -2.26 -18.07
N GLN C 3 3.81 -2.23 -18.87
CA GLN C 3 3.76 -1.46 -20.09
C GLN C 3 2.70 -0.38 -19.97
N LEU C 4 3.13 0.88 -20.08
CA LEU C 4 2.22 2.03 -20.06
C LEU C 4 2.52 2.87 -21.29
N VAL C 5 1.71 2.71 -22.33
CA VAL C 5 1.88 3.43 -23.59
C VAL C 5 0.92 4.61 -23.61
N GLU C 6 1.39 5.74 -24.13
CA GLU C 6 0.62 6.97 -24.16
C GLU C 6 0.63 7.56 -25.57
N SER C 7 -0.46 8.20 -25.93
CA SER C 7 -0.62 8.76 -27.27
C SER C 7 -1.40 10.07 -27.18
N GLY C 8 -1.74 10.62 -28.34
CA GLY C 8 -2.54 11.81 -28.42
C GLY C 8 -1.79 13.12 -28.35
N GLY C 9 -0.48 13.08 -28.10
CA GLY C 9 0.28 14.31 -28.02
C GLY C 9 0.42 14.99 -29.37
N GLY C 10 0.77 16.27 -29.32
CA GLY C 10 0.94 17.04 -30.55
C GLY C 10 1.03 18.52 -30.25
N LEU C 11 0.74 19.31 -31.27
CA LEU C 11 0.77 20.77 -31.18
C LEU C 11 -0.61 21.32 -31.51
N VAL C 12 -1.14 22.17 -30.64
CA VAL C 12 -2.45 22.77 -30.83
C VAL C 12 -2.37 24.26 -30.54
N GLN C 13 -3.35 24.99 -31.07
CA GLN C 13 -3.45 26.41 -30.81
C GLN C 13 -3.95 26.67 -29.39
N PRO C 14 -3.63 27.83 -28.82
CA PRO C 14 -4.16 28.16 -27.49
C PRO C 14 -5.68 28.19 -27.50
N GLY C 15 -6.27 27.65 -26.44
CA GLY C 15 -7.70 27.54 -26.32
C GLY C 15 -8.30 26.29 -26.92
N ARG C 16 -7.55 25.55 -27.73
CA ARG C 16 -8.04 24.33 -28.36
C ARG C 16 -7.93 23.17 -27.39
N SER C 17 -8.57 22.06 -27.74
CA SER C 17 -8.64 20.89 -26.87
C SER C 17 -8.03 19.69 -27.56
N LEU C 18 -7.25 18.91 -26.80
CA LEU C 18 -6.67 17.66 -27.28
C LEU C 18 -6.90 16.60 -26.21
N ARG C 19 -6.44 15.38 -26.49
CA ARG C 19 -6.74 14.23 -25.66
C ARG C 19 -5.47 13.46 -25.37
N LEU C 20 -5.39 12.86 -24.18
CA LEU C 20 -4.34 11.90 -23.85
C LEU C 20 -4.97 10.59 -23.42
N SER C 21 -4.30 9.49 -23.75
CA SER C 21 -4.70 8.16 -23.32
C SER C 21 -3.48 7.41 -22.81
N CYS C 22 -3.70 6.53 -21.83
CA CYS C 22 -2.64 5.70 -21.28
C CYS C 22 -3.17 4.30 -21.09
N ALA C 23 -2.52 3.32 -21.71
CA ALA C 23 -2.94 1.93 -21.65
C ALA C 23 -2.00 1.14 -20.76
N ALA C 24 -2.58 0.37 -19.83
CA ALA C 24 -1.82 -0.42 -18.88
C ALA C 24 -2.06 -1.90 -19.13
N SER C 25 -0.96 -2.66 -19.20
CA SER C 25 -1.04 -4.09 -19.47
C SER C 25 -0.15 -4.95 -18.59
N GLY C 26 0.82 -4.38 -17.87
CA GLY C 26 1.75 -5.16 -17.08
C GLY C 26 1.30 -5.45 -15.67
N PHE C 27 0.09 -5.07 -15.28
CA PHE C 27 -0.38 -5.29 -13.92
C PHE C 27 -1.91 -5.26 -13.93
N THR C 28 -2.49 -5.78 -12.86
CA THR C 28 -3.94 -5.72 -12.71
C THR C 28 -4.37 -4.27 -12.54
N PHE C 29 -5.41 -3.88 -13.27
CA PHE C 29 -5.76 -2.47 -13.41
C PHE C 29 -6.98 -2.07 -12.59
N ASP C 30 -7.86 -3.01 -12.25
CA ASP C 30 -9.15 -2.67 -11.67
C ASP C 30 -9.05 -2.18 -10.23
N ASP C 31 -7.89 -2.31 -9.58
CA ASP C 31 -7.81 -1.95 -8.14
C ASP C 31 -6.57 -1.09 -7.82
N TYR C 32 -6.07 -0.33 -8.80
CA TYR C 32 -4.95 0.58 -8.58
C TYR C 32 -5.35 2.00 -8.94
N ALA C 33 -4.83 2.95 -8.18
CA ALA C 33 -5.03 4.36 -8.48
C ALA C 33 -4.01 4.82 -9.51
N MET C 34 -4.32 5.95 -10.16
CA MET C 34 -3.47 6.48 -11.21
C MET C 34 -3.38 7.99 -11.10
N HIS C 35 -2.28 8.54 -11.61
CA HIS C 35 -2.05 9.98 -11.57
C HIS C 35 -1.46 10.43 -12.89
N TRP C 36 -1.69 11.70 -13.21
CA TRP C 36 -1.05 12.36 -14.35
C TRP C 36 -0.10 13.41 -13.81
N VAL C 37 1.17 13.31 -14.18
CA VAL C 37 2.20 14.21 -13.69
C VAL C 37 2.89 14.87 -14.88
N ARG C 38 3.40 16.08 -14.65
CA ARG C 38 3.90 16.93 -15.71
C ARG C 38 5.38 17.21 -15.49
N GLN C 39 6.15 17.15 -16.57
CA GLN C 39 7.58 17.45 -16.55
C GLN C 39 7.80 18.69 -17.41
N ALA C 40 8.21 19.78 -16.78
CA ALA C 40 8.47 21.01 -17.51
C ALA C 40 9.73 20.87 -18.36
N PRO C 41 9.84 21.63 -19.46
CA PRO C 41 11.05 21.54 -20.28
C PRO C 41 12.32 21.90 -19.53
N GLY C 42 12.25 22.81 -18.57
CA GLY C 42 13.43 23.21 -17.83
C GLY C 42 13.24 23.26 -16.33
N LYS C 43 12.14 22.68 -15.84
CA LYS C 43 11.85 22.65 -14.41
C LYS C 43 11.48 21.23 -14.01
N GLY C 44 11.24 21.03 -12.73
CA GLY C 44 11.02 19.71 -12.18
C GLY C 44 9.61 19.20 -12.43
N LEU C 45 9.36 18.00 -11.89
CA LEU C 45 8.07 17.35 -12.03
C LEU C 45 7.00 18.09 -11.24
N GLU C 46 5.81 18.20 -11.83
CA GLU C 46 4.67 18.83 -11.19
C GLU C 46 3.44 17.95 -11.35
N TRP C 47 2.76 17.69 -10.24
CA TRP C 47 1.55 16.87 -10.26
C TRP C 47 0.41 17.65 -10.89
N VAL C 48 -0.48 16.93 -11.59
CA VAL C 48 -1.57 17.56 -12.32
C VAL C 48 -2.92 17.06 -11.84
N SER C 49 -3.16 15.75 -11.94
CA SER C 49 -4.46 15.21 -11.58
C SER C 49 -4.27 13.78 -11.09
N GLY C 50 -5.38 13.16 -10.72
CA GLY C 50 -5.35 11.80 -10.23
C GLY C 50 -6.74 11.19 -10.21
N ILE C 51 -6.78 9.86 -10.14
CA ILE C 51 -8.02 9.11 -10.10
C ILE C 51 -7.83 7.91 -9.19
N SER C 52 -8.88 7.57 -8.44
CA SER C 52 -8.83 6.46 -7.51
C SER C 52 -8.98 5.14 -8.26
N TRP C 53 -9.10 4.04 -7.52
CA TRP C 53 -9.31 2.74 -8.16
C TRP C 53 -10.65 2.69 -8.86
N ASN C 54 -11.67 3.33 -8.29
CA ASN C 54 -12.93 3.57 -8.96
C ASN C 54 -13.18 5.07 -9.01
N SER C 55 -13.96 5.50 -9.99
CA SER C 55 -14.20 6.93 -10.21
C SER C 55 -15.12 7.46 -9.11
N ASP C 56 -14.57 7.51 -7.89
CA ASP C 56 -15.28 7.99 -6.73
C ASP C 56 -14.64 9.22 -6.11
N SER C 57 -13.31 9.21 -5.95
CA SER C 57 -12.58 10.34 -5.39
C SER C 57 -11.69 10.93 -6.49
N ILE C 58 -11.81 12.23 -6.71
CA ILE C 58 -11.11 12.91 -7.79
C ILE C 58 -10.49 14.19 -7.25
N ASP C 59 -9.22 14.41 -7.58
CA ASP C 59 -8.52 15.62 -7.15
C ASP C 59 -7.73 16.18 -8.33
N TYR C 60 -7.60 17.52 -8.36
CA TYR C 60 -6.87 18.24 -9.38
C TYR C 60 -5.77 19.08 -8.73
N ALA C 61 -4.76 19.42 -9.52
CA ALA C 61 -3.76 20.36 -9.06
C ALA C 61 -4.38 21.75 -8.93
N ASP C 62 -3.80 22.56 -8.05
CA ASP C 62 -4.33 23.90 -7.80
C ASP C 62 -4.26 24.77 -9.05
N SER C 63 -3.16 24.69 -9.80
CA SER C 63 -2.97 25.56 -10.95
C SER C 63 -3.90 25.24 -12.11
N VAL C 64 -4.54 24.08 -12.11
CA VAL C 64 -5.35 23.65 -13.25
C VAL C 64 -6.77 23.31 -12.83
N LYS C 65 -7.26 23.92 -11.76
CA LYS C 65 -8.63 23.68 -11.31
C LYS C 65 -9.63 24.10 -12.38
N GLY C 66 -10.60 23.23 -12.66
CA GLY C 66 -11.67 23.56 -13.57
C GLY C 66 -11.28 23.66 -15.03
N ARG C 67 -10.15 23.09 -15.42
CA ARG C 67 -9.72 23.15 -16.81
C ARG C 67 -9.46 21.78 -17.42
N PHE C 68 -9.02 20.82 -16.63
CA PHE C 68 -8.73 19.47 -17.10
C PHE C 68 -9.73 18.49 -16.50
N THR C 69 -9.98 17.41 -17.23
CA THR C 69 -10.84 16.33 -16.75
C THR C 69 -10.10 15.02 -16.92
N ILE C 70 -10.09 14.20 -15.88
CA ILE C 70 -9.43 12.89 -15.90
C ILE C 70 -10.51 11.81 -15.87
N SER C 71 -10.41 10.86 -16.79
CA SER C 71 -11.38 9.79 -16.92
C SER C 71 -10.66 8.45 -16.84
N ARG C 72 -11.38 7.44 -16.37
CA ARG C 72 -10.83 6.10 -16.23
C ARG C 72 -11.87 5.09 -16.65
N ASP C 73 -11.48 4.15 -17.51
CA ASP C 73 -12.37 3.10 -17.99
C ASP C 73 -11.70 1.76 -17.71
N ASN C 74 -12.28 0.99 -16.79
CA ASN C 74 -11.66 -0.26 -16.37
C ASN C 74 -11.79 -1.36 -17.41
N ALA C 75 -12.82 -1.28 -18.27
CA ALA C 75 -13.09 -2.37 -19.20
C ALA C 75 -11.92 -2.60 -20.15
N LYS C 76 -11.36 -1.52 -20.71
CA LYS C 76 -10.22 -1.62 -21.60
C LYS C 76 -8.90 -1.39 -20.89
N ASN C 77 -8.92 -1.31 -19.55
CA ASN C 77 -7.73 -1.16 -18.74
C ASN C 77 -6.89 0.04 -19.19
N SER C 78 -7.56 1.18 -19.27
CA SER C 78 -6.89 2.41 -19.69
C SER C 78 -7.61 3.60 -19.09
N LEU C 79 -6.88 4.70 -18.92
CA LEU C 79 -7.45 5.95 -18.45
C LEU C 79 -7.18 7.03 -19.49
N TYR C 80 -8.06 8.02 -19.52
CA TYR C 80 -7.99 9.09 -20.48
C TYR C 80 -7.86 10.41 -19.74
N LEU C 81 -7.21 11.38 -20.39
CA LEU C 81 -7.03 12.71 -19.82
C LEU C 81 -7.42 13.74 -20.88
N GLN C 82 -8.58 14.37 -20.70
CA GLN C 82 -9.08 15.36 -21.65
C GLN C 82 -8.50 16.73 -21.30
N MET C 83 -7.93 17.39 -22.30
CA MET C 83 -7.26 18.66 -22.12
C MET C 83 -8.15 19.76 -22.69
N ASN C 84 -8.57 20.69 -21.83
CA ASN C 84 -9.49 21.76 -22.24
C ASN C 84 -9.00 23.10 -21.72
N SER C 85 -9.25 24.14 -22.52
CA SER C 85 -8.91 25.52 -22.16
C SER C 85 -7.41 25.67 -21.86
N LEU C 86 -6.61 25.42 -22.89
CA LEU C 86 -5.15 25.43 -22.73
C LEU C 86 -4.60 26.84 -22.83
N ARG C 87 -3.44 27.04 -22.20
CA ARG C 87 -2.68 28.27 -22.30
C ARG C 87 -1.25 27.96 -22.75
N ALA C 88 -0.47 29.02 -22.94
CA ALA C 88 0.85 28.89 -23.56
C ALA C 88 1.89 28.27 -22.63
N GLU C 89 1.57 28.05 -21.37
CA GLU C 89 2.53 27.51 -20.41
C GLU C 89 2.28 26.04 -20.08
N ASP C 90 1.42 25.37 -20.84
CA ASP C 90 1.21 23.93 -20.69
C ASP C 90 1.91 23.15 -21.78
N THR C 91 3.08 23.63 -22.21
CA THR C 91 3.85 23.01 -23.28
C THR C 91 4.89 22.04 -22.75
N ALA C 92 4.63 21.43 -21.61
CA ALA C 92 5.61 20.59 -20.93
C ALA C 92 5.44 19.13 -21.35
N LEU C 93 6.17 18.23 -20.68
CA LEU C 93 6.09 16.81 -20.95
C LEU C 93 5.21 16.17 -19.88
N TYR C 94 4.26 15.34 -20.31
CA TYR C 94 3.26 14.75 -19.42
C TYR C 94 3.52 13.26 -19.29
N TYR C 95 3.65 12.80 -18.05
CA TYR C 95 3.96 11.41 -17.74
C TYR C 95 2.73 10.72 -17.19
N CYS C 96 2.67 9.39 -17.35
CA CYS C 96 1.55 8.58 -16.89
C CYS C 96 2.07 7.66 -15.78
N ALA C 97 1.95 8.11 -14.53
CA ALA C 97 2.45 7.38 -13.38
C ALA C 97 1.36 6.53 -12.75
N LYS C 98 1.79 5.51 -12.02
CA LYS C 98 0.88 4.57 -11.36
C LYS C 98 1.07 4.66 -9.86
N ASP C 99 -0.04 4.78 -9.13
CA ASP C 99 0.00 4.84 -7.68
C ASP C 99 0.10 3.43 -7.10
N ARG C 100 0.47 3.36 -5.83
CA ARG C 100 0.60 2.06 -5.18
C ARG C 100 -0.72 1.62 -4.53
N GLY C 101 -1.36 2.52 -3.81
CA GLY C 101 -2.57 2.20 -3.07
C GLY C 101 -3.80 2.25 -3.94
N TYR C 102 -4.95 2.41 -3.28
CA TYR C 102 -6.23 2.48 -3.98
C TYR C 102 -6.94 3.82 -3.83
N GLU C 103 -6.51 4.61 -2.84
CA GLU C 103 -7.10 5.95 -2.69
C GLU C 103 -6.39 6.93 -3.63
N ILE C 104 -6.62 8.22 -3.42
CA ILE C 104 -6.06 9.23 -4.31
C ILE C 104 -4.97 10.06 -3.62
N LEU C 105 -5.20 10.50 -2.40
CA LEU C 105 -4.20 11.25 -1.63
C LEU C 105 -3.80 10.41 -0.42
N THR C 106 -2.72 9.67 -0.57
CA THR C 106 -2.21 8.75 0.44
C THR C 106 -0.72 8.96 0.60
N PRO C 107 -0.14 8.50 1.72
CA PRO C 107 1.33 8.51 1.83
C PRO C 107 2.01 7.68 0.75
N ALA C 108 1.32 6.71 0.15
CA ALA C 108 1.89 5.98 -0.96
C ALA C 108 2.12 6.91 -2.15
N SER C 109 3.19 6.66 -2.89
CA SER C 109 3.59 7.54 -3.97
C SER C 109 3.57 6.78 -5.30
N PHE C 110 4.08 7.43 -6.34
CA PHE C 110 4.05 6.88 -7.69
C PHE C 110 4.99 5.69 -7.76
N ASP C 111 4.45 4.53 -8.14
CA ASP C 111 5.22 3.29 -8.03
C ASP C 111 5.94 2.99 -9.35
N TYR C 112 5.18 2.83 -10.44
CA TYR C 112 5.72 2.62 -11.77
C TYR C 112 5.28 3.75 -12.70
N TRP C 113 6.12 4.01 -13.71
CA TRP C 113 5.91 5.11 -14.63
C TRP C 113 5.90 4.61 -16.07
N GLY C 114 5.66 5.54 -16.98
CA GLY C 114 5.68 5.23 -18.40
C GLY C 114 6.29 6.38 -19.18
N GLN C 115 6.57 6.12 -20.44
CA GLN C 115 7.18 7.15 -21.30
C GLN C 115 6.24 8.34 -21.44
N GLY C 116 6.81 9.54 -21.40
CA GLY C 116 6.02 10.74 -21.56
C GLY C 116 5.73 11.05 -23.01
N THR C 117 4.63 11.78 -23.23
CA THR C 117 4.24 12.24 -24.54
C THR C 117 4.27 13.76 -24.58
N LEU C 118 5.02 14.31 -25.54
CA LEU C 118 5.25 15.75 -25.61
C LEU C 118 4.00 16.46 -26.11
N VAL C 119 3.73 17.64 -25.53
CA VAL C 119 2.67 18.52 -25.98
C VAL C 119 3.20 19.94 -26.05
N THR C 120 2.80 20.65 -27.09
CA THR C 120 3.21 22.04 -27.28
C THR C 120 1.99 22.88 -27.59
N VAL C 121 1.90 24.05 -26.97
CA VAL C 121 0.77 24.97 -27.16
C VAL C 121 1.35 26.25 -27.75
N SER C 122 1.20 26.41 -29.05
CA SER C 122 1.72 27.58 -29.76
C SER C 122 1.07 27.64 -31.14
N SER C 123 1.57 28.57 -31.95
CA SER C 123 1.16 28.73 -33.34
C SER C 123 2.40 28.55 -34.21
N ALA C 124 2.41 27.51 -35.03
CA ALA C 124 3.57 27.20 -35.86
C ALA C 124 3.08 26.45 -37.10
N SER C 125 4.02 25.81 -37.80
CA SER C 125 3.69 25.00 -38.98
C SER C 125 3.63 23.52 -38.62
#